data_3MLR
#
_entry.id   3MLR
#
_cell.length_a   42.414
_cell.length_b   43.076
_cell.length_c   58.212
_cell.angle_alpha   87.860
_cell.angle_beta   85.500
_cell.angle_gamma   85.820
#
_symmetry.space_group_name_H-M   'P 1'
#
loop_
_entity.id
_entity.type
_entity.pdbx_description
1 polymer 'Human monoclonal anti-HIV-1 gp120 V3 antibody 2557 Fab light chain'
2 polymer 'Human monoclonal anti-HIV-1 gp120 V3 antibody 2557 Fab heavy chain'
3 polymer 'HIV-1 gp120 third variable region (V3) crown'
4 water water
#
loop_
_entity_poly.entity_id
_entity_poly.type
_entity_poly.pdbx_seq_one_letter_code
_entity_poly.pdbx_strand_id
1 'polypeptide(L)'
;SYDLTQPPSVSVSPGQTASISCSGDKLDDKYVSWYYQRPGQSPVLLMYQDFKRPSGIPERLSGSKSGKTATLTISGTQSL
DEGDYYCQAWDASTGVSGGGTKLTVLFGDGTRLTVLGQPKAAPSVTLFPPSSEELQANKATLVCLISDFYPGAVTVAWKA
DSSPVKAGVETTTPSKQSNNKYAASSYLSLTPEQWKSHKSYSCQVTHEGSTVEKTVAPT
;
L
2 'polypeptide(L)'
;EVQLVESGGEVKQPGQSLKISCKSSGYNFLDSWIGWVRQIPGKGLEWIGIIYPDDSDAHYSPSFEGQVTMSVDKSISTAY
LQWTTLQASDTGKYFCTRLYLFEGAQSSNAFDLWGQGTMILVSSGTTKGPSVFPLAPSSKSTSGGTAALGCLVKDYFPEP
VTVSWNSGALTSGVHTFPAVLQSSGLYSLSSVVTVPSSSLGTQTYICNVNHKPSNTKVDKKVEPKS
;
H
3 'polypeptide(L)' NNTKKGIAIGPGRTLYAREK P
#
# COMPACT_ATOMS: atom_id res chain seq x y z
N SER A 1 1.86 -14.98 19.75
CA SER A 1 0.69 -14.23 20.29
C SER A 1 1.08 -12.79 20.64
N TYR A 2 2.13 -12.64 21.44
CA TYR A 2 2.62 -11.34 21.87
C TYR A 2 2.80 -10.40 20.68
N ASP A 3 2.48 -9.12 20.88
CA ASP A 3 2.61 -8.13 19.81
C ASP A 3 4.06 -7.73 19.57
N LEU A 4 4.38 -7.48 18.30
CA LEU A 4 5.71 -7.04 17.93
C LEU A 4 5.57 -5.58 17.52
N THR A 5 6.26 -4.70 18.26
CA THR A 5 6.20 -3.27 18.01
C THR A 5 7.40 -2.72 17.25
N GLN A 6 7.11 -1.99 16.19
CA GLN A 6 8.14 -1.37 15.35
C GLN A 6 7.81 0.12 15.19
N PRO A 7 8.83 0.96 14.99
CA PRO A 7 8.58 2.40 14.81
C PRO A 7 7.94 2.49 13.42
N PRO A 8 6.83 3.24 13.29
CA PRO A 8 6.25 3.31 11.94
C PRO A 8 7.16 3.94 10.90
N SER A 9 8.08 4.80 11.35
CA SER A 9 8.97 5.47 10.41
C SER A 9 10.37 5.75 10.95
N VAL A 10 11.35 5.68 10.05
CA VAL A 10 12.74 5.96 10.37
C VAL A 10 13.31 6.75 9.21
N SER A 11 13.96 7.86 9.52
CA SER A 11 14.57 8.72 8.51
C SER A 11 16.08 8.65 8.67
N VAL A 12 16.80 8.75 7.55
CA VAL A 12 18.26 8.70 7.61
C VAL A 12 18.85 9.47 6.43
N SER A 13 20.05 10.00 6.62
CA SER A 13 20.73 10.71 5.54
C SER A 13 21.59 9.69 4.82
N PRO A 14 21.68 9.80 3.47
CA PRO A 14 22.47 8.89 2.63
C PRO A 14 23.89 8.70 3.15
N GLY A 15 24.33 7.45 3.20
CA GLY A 15 25.68 7.16 3.67
C GLY A 15 25.75 6.90 5.15
N GLN A 16 24.78 7.40 5.91
CA GLN A 16 24.76 7.19 7.34
C GLN A 16 24.07 5.87 7.69
N THR A 17 24.12 5.48 8.95
CA THR A 17 23.51 4.23 9.37
C THR A 17 22.11 4.44 9.94
N ALA A 18 21.20 3.55 9.57
CA ALA A 18 19.83 3.60 10.06
C ALA A 18 19.60 2.34 10.88
N SER A 19 18.88 2.49 11.98
CA SER A 19 18.56 1.37 12.87
C SER A 19 17.05 1.25 13.03
N ILE A 20 16.55 0.03 12.91
CA ILE A 20 15.10 -0.22 13.05
C ILE A 20 14.89 -1.22 14.17
N SER A 21 14.09 -0.82 15.15
CA SER A 21 13.80 -1.67 16.30
C SER A 21 12.54 -2.52 16.15
N CYS A 22 12.47 -3.55 16.98
CA CYS A 22 11.34 -4.49 17.00
C CYS A 22 11.32 -5.02 18.42
N SER A 23 10.25 -4.74 19.15
CA SER A 23 10.13 -5.18 20.54
C SER A 23 8.95 -6.11 20.75
N GLY A 24 9.15 -7.12 21.60
CA GLY A 24 8.11 -8.09 21.91
C GLY A 24 8.43 -8.80 23.21
N ASP A 25 7.40 -9.11 23.98
CA ASP A 25 7.60 -9.77 25.27
C ASP A 25 8.43 -11.05 25.29
N LYS A 26 8.36 -11.85 24.24
CA LYS A 26 9.14 -13.08 24.22
C LYS A 26 10.36 -13.07 23.30
N LEU A 27 10.62 -11.94 22.67
CA LEU A 27 11.74 -11.85 21.75
C LEU A 27 13.10 -12.25 22.30
N ASP A 28 13.32 -12.06 23.59
CA ASP A 28 14.60 -12.41 24.20
C ASP A 28 14.95 -13.90 24.05
N ASP A 29 13.95 -14.73 23.78
CA ASP A 29 14.21 -16.18 23.61
C ASP A 29 13.60 -16.72 22.32
N LYS A 30 13.26 -15.81 21.40
CA LYS A 30 12.64 -16.18 20.13
C LYS A 30 13.47 -15.65 18.97
N TYR A 31 13.78 -16.50 17.99
CA TYR A 31 14.57 -16.05 16.83
C TYR A 31 13.77 -15.04 16.02
N VAL A 32 14.44 -13.98 15.60
CA VAL A 32 13.80 -12.94 14.80
C VAL A 32 14.30 -12.94 13.37
N SER A 33 13.40 -12.70 12.43
CA SER A 33 13.74 -12.63 11.02
C SER A 33 13.26 -11.27 10.53
N TRP A 34 13.88 -10.77 9.46
CA TRP A 34 13.49 -9.47 8.93
C TRP A 34 13.21 -9.59 7.43
N TYR A 35 12.22 -8.80 6.96
CA TYR A 35 11.85 -8.81 5.55
C TYR A 35 11.75 -7.40 5.01
N TYR A 36 12.10 -7.25 3.73
CA TYR A 36 12.05 -5.96 3.05
C TYR A 36 10.94 -6.02 1.99
N GLN A 37 10.23 -4.92 1.82
CA GLN A 37 9.19 -4.89 0.81
C GLN A 37 9.10 -3.53 0.15
N ARG A 38 9.31 -3.51 -1.17
CA ARG A 38 9.22 -2.28 -1.93
C ARG A 38 7.75 -2.18 -2.36
N PRO A 39 7.19 -0.96 -2.39
CA PRO A 39 5.79 -0.77 -2.78
C PRO A 39 5.37 -1.59 -4.00
N GLY A 40 4.29 -2.36 -3.84
CA GLY A 40 3.77 -3.16 -4.94
C GLY A 40 4.49 -4.47 -5.22
N GLN A 41 5.61 -4.70 -4.53
CA GLN A 41 6.37 -5.93 -4.72
C GLN A 41 6.19 -6.92 -3.58
N SER A 42 6.76 -8.11 -3.75
CA SER A 42 6.67 -9.15 -2.72
C SER A 42 7.79 -8.98 -1.70
N PRO A 43 7.56 -9.44 -0.47
CA PRO A 43 8.58 -9.33 0.58
C PRO A 43 9.83 -10.12 0.22
N VAL A 44 10.97 -9.72 0.79
CA VAL A 44 12.24 -10.39 0.55
C VAL A 44 12.91 -10.63 1.90
N LEU A 45 13.39 -11.85 2.11
CA LEU A 45 14.06 -12.20 3.36
C LEU A 45 15.41 -11.52 3.44
N LEU A 46 15.65 -10.82 4.55
CA LEU A 46 16.90 -10.10 4.75
C LEU A 46 17.77 -10.69 5.86
N MET A 47 17.12 -11.31 6.84
CA MET A 47 17.85 -11.78 8.00
C MET A 47 17.03 -12.84 8.75
N TYR A 48 17.71 -13.78 9.38
CA TYR A 48 17.01 -14.82 10.14
C TYR A 48 17.87 -15.24 11.33
N GLN A 49 17.27 -15.93 12.29
CA GLN A 49 17.98 -16.36 13.49
C GLN A 49 18.69 -15.16 14.12
N ASP A 50 18.00 -14.01 14.13
CA ASP A 50 18.48 -12.76 14.68
C ASP A 50 19.54 -12.01 13.87
N PHE A 51 20.62 -12.70 13.50
CA PHE A 51 21.74 -12.05 12.83
C PHE A 51 22.28 -12.68 11.55
N LYS A 52 21.63 -13.73 11.06
CA LYS A 52 22.13 -14.39 9.86
C LYS A 52 21.56 -13.90 8.55
N ARG A 53 22.46 -13.58 7.62
CA ARG A 53 22.06 -13.11 6.30
C ARG A 53 21.97 -14.24 5.29
N PRO A 54 20.85 -14.34 4.55
CA PRO A 54 20.76 -15.41 3.56
C PRO A 54 21.69 -14.97 2.42
N SER A 55 22.03 -15.88 1.51
CA SER A 55 22.92 -15.53 0.41
C SER A 55 22.46 -14.33 -0.40
N GLY A 56 23.41 -13.48 -0.80
CA GLY A 56 23.09 -12.33 -1.61
C GLY A 56 22.81 -11.04 -0.86
N ILE A 57 22.48 -11.15 0.43
CA ILE A 57 22.21 -9.96 1.22
C ILE A 57 23.57 -9.36 1.61
N PRO A 58 23.77 -8.08 1.29
CA PRO A 58 25.02 -7.35 1.57
C PRO A 58 25.42 -7.24 3.04
N GLU A 59 26.72 -7.24 3.28
CA GLU A 59 27.28 -7.16 4.61
C GLU A 59 26.95 -5.85 5.35
N ARG A 60 26.56 -4.82 4.61
CA ARG A 60 26.23 -3.55 5.24
C ARG A 60 24.92 -3.63 6.04
N LEU A 61 24.21 -4.74 5.89
CA LEU A 61 22.97 -4.95 6.63
C LEU A 61 23.29 -5.94 7.74
N SER A 62 22.97 -5.60 8.97
CA SER A 62 23.23 -6.51 10.09
C SER A 62 22.04 -6.59 11.01
N GLY A 63 21.94 -7.69 11.75
CA GLY A 63 20.83 -7.88 12.66
C GLY A 63 21.36 -8.23 14.03
N SER A 64 20.70 -7.75 15.08
CA SER A 64 21.13 -8.02 16.44
C SER A 64 19.95 -8.05 17.38
N LYS A 65 20.19 -8.36 18.63
CA LYS A 65 19.13 -8.40 19.61
C LYS A 65 19.69 -8.22 21.00
N SER A 66 19.02 -7.38 21.78
CA SER A 66 19.42 -7.11 23.15
C SER A 66 18.15 -7.11 23.98
N GLY A 67 18.08 -8.01 24.96
CA GLY A 67 16.88 -8.08 25.77
C GLY A 67 15.71 -8.46 24.89
N LYS A 68 14.58 -7.80 25.07
CA LYS A 68 13.38 -8.09 24.29
C LYS A 68 13.32 -7.27 23.00
N THR A 69 14.44 -6.67 22.60
CA THR A 69 14.46 -5.86 21.39
C THR A 69 15.43 -6.34 20.30
N ALA A 70 14.89 -6.56 19.11
CA ALA A 70 15.69 -6.96 17.97
C ALA A 70 15.94 -5.69 17.16
N THR A 71 17.11 -5.59 16.54
CA THR A 71 17.45 -4.41 15.76
C THR A 71 18.05 -4.74 14.40
N LEU A 72 17.53 -4.09 13.36
CA LEU A 72 18.06 -4.27 12.02
C LEU A 72 18.83 -3.00 11.73
N THR A 73 20.11 -3.14 11.40
CA THR A 73 20.94 -1.98 11.13
C THR A 73 21.45 -1.95 9.70
N ILE A 74 21.18 -0.83 9.02
CA ILE A 74 21.57 -0.64 7.63
C ILE A 74 22.63 0.42 7.56
N SER A 75 23.87 0.04 7.27
CA SER A 75 24.94 1.04 7.16
C SER A 75 25.09 1.44 5.69
N GLY A 76 25.73 2.58 5.45
CA GLY A 76 25.92 3.06 4.09
C GLY A 76 24.61 3.15 3.34
N THR A 77 23.56 3.62 4.01
CA THR A 77 22.25 3.72 3.38
C THR A 77 22.25 4.48 2.06
N GLN A 78 21.40 4.02 1.14
CA GLN A 78 21.25 4.63 -0.18
C GLN A 78 19.77 4.81 -0.47
N SER A 79 19.44 5.68 -1.41
CA SER A 79 18.04 5.94 -1.75
C SER A 79 17.25 4.67 -2.04
N LEU A 80 17.87 3.71 -2.71
CA LEU A 80 17.18 2.47 -3.04
C LEU A 80 16.77 1.66 -1.82
N ASP A 81 17.34 1.98 -0.67
CA ASP A 81 17.01 1.25 0.56
C ASP A 81 15.60 1.60 1.06
N GLU A 82 15.02 2.66 0.52
CA GLU A 82 13.67 3.05 0.95
C GLU A 82 12.67 1.93 0.73
N GLY A 83 11.70 1.85 1.63
CA GLY A 83 10.68 0.82 1.55
C GLY A 83 10.25 0.43 2.94
N ASP A 84 9.54 -0.71 3.04
CA ASP A 84 9.06 -1.18 4.33
C ASP A 84 9.90 -2.35 4.86
N TYR A 85 10.09 -2.35 6.17
CA TYR A 85 10.85 -3.42 6.82
C TYR A 85 9.99 -4.02 7.91
N TYR A 86 9.88 -5.35 7.89
CA TYR A 86 9.07 -6.07 8.87
C TYR A 86 9.88 -7.09 9.66
N CYS A 87 9.67 -7.14 10.97
CA CYS A 87 10.35 -8.14 11.76
C CYS A 87 9.33 -9.26 11.96
N GLN A 88 9.81 -10.46 12.23
CA GLN A 88 8.94 -11.60 12.39
C GLN A 88 9.51 -12.59 13.40
N ALA A 89 8.63 -13.24 14.15
CA ALA A 89 9.06 -14.22 15.14
C ALA A 89 7.94 -15.24 15.33
N TRP A 90 8.11 -16.13 16.30
CA TRP A 90 7.11 -17.17 16.54
C TRP A 90 6.67 -17.22 17.99
N ASP A 91 5.56 -17.92 18.20
CA ASP A 91 5.01 -18.17 19.52
C ASP A 91 4.57 -19.62 19.44
N ALA A 92 4.76 -20.36 20.54
CA ALA A 92 4.35 -21.76 20.57
C ALA A 92 3.80 -22.08 21.95
N SER A 93 2.64 -22.71 21.99
CA SER A 93 2.02 -23.07 23.25
C SER A 93 1.04 -24.20 23.04
N THR A 94 0.79 -24.97 24.09
CA THR A 94 -0.14 -26.07 23.99
C THR A 94 -1.43 -25.70 24.72
N GLY A 95 -2.56 -25.96 24.07
CA GLY A 95 -3.84 -25.65 24.67
C GLY A 95 -4.01 -26.34 26.01
N VAL A 96 -4.72 -25.71 26.92
CA VAL A 96 -4.94 -26.27 28.25
C VAL A 96 -5.55 -27.67 28.20
N SER A 97 -6.37 -27.94 27.18
CA SER A 97 -7.00 -29.25 27.07
C SER A 97 -6.31 -30.19 26.09
N GLY A 98 -5.06 -29.86 25.76
CA GLY A 98 -4.30 -30.70 24.83
C GLY A 98 -4.39 -30.30 23.39
N GLY A 99 -4.05 -31.22 22.50
CA GLY A 99 -4.11 -30.94 21.08
C GLY A 99 -2.76 -30.63 20.46
N GLY A 100 -1.69 -30.84 21.22
CA GLY A 100 -0.36 -30.60 20.71
C GLY A 100 0.00 -29.12 20.68
N THR A 101 1.27 -28.82 20.41
CA THR A 101 1.71 -27.44 20.36
C THR A 101 1.06 -26.69 19.19
N LYS A 102 0.64 -25.47 19.45
CA LYS A 102 0.01 -24.62 18.44
C LYS A 102 1.01 -23.53 18.09
N LEU A 103 1.32 -23.39 16.80
CA LEU A 103 2.29 -22.40 16.35
C LEU A 103 1.65 -21.11 15.82
N THR A 104 2.31 -19.99 16.07
CA THR A 104 1.84 -18.69 15.60
C THR A 104 2.99 -17.88 15.01
N VAL A 105 2.78 -17.37 13.80
CA VAL A 105 3.78 -16.53 13.15
C VAL A 105 3.38 -15.10 13.49
N LEU A 106 4.32 -14.35 14.05
CA LEU A 106 4.06 -12.97 14.45
C LEU A 106 4.82 -11.98 13.57
N PHE A 107 4.16 -10.89 13.17
CA PHE A 107 4.78 -9.85 12.35
C PHE A 107 4.70 -8.49 13.03
N GLY A 108 5.75 -7.70 12.88
CA GLY A 108 5.73 -6.35 13.43
C GLY A 108 4.86 -5.58 12.46
N ASP A 109 4.40 -4.40 12.83
CA ASP A 109 3.53 -3.62 11.96
C ASP A 109 4.26 -2.96 10.79
N GLY A 110 5.58 -3.06 10.81
CA GLY A 110 6.39 -2.50 9.73
C GLY A 110 6.93 -1.11 9.96
N THR A 111 8.09 -0.85 9.39
CA THR A 111 8.74 0.45 9.48
C THR A 111 9.05 0.94 8.07
N ARG A 112 8.62 2.16 7.77
CA ARG A 112 8.90 2.74 6.46
C ARG A 112 10.19 3.54 6.59
N LEU A 113 11.20 3.18 5.80
CA LEU A 113 12.47 3.88 5.84
C LEU A 113 12.51 4.98 4.79
N THR A 114 12.92 6.17 5.21
CA THR A 114 13.05 7.30 4.30
C THR A 114 14.52 7.70 4.28
N VAL A 115 15.07 7.88 3.09
CA VAL A 115 16.45 8.27 2.93
C VAL A 115 16.39 9.66 2.29
N LEU A 116 16.80 10.67 3.07
CA LEU A 116 16.75 12.06 2.63
C LEU A 116 17.81 12.38 1.58
N GLY A 117 17.47 12.16 0.31
CA GLY A 117 18.40 12.38 -0.78
C GLY A 117 18.42 13.75 -1.44
N GLN A 118 17.57 14.66 -0.98
CA GLN A 118 17.54 16.01 -1.53
C GLN A 118 17.03 16.97 -0.48
N PRO A 119 17.25 18.28 -0.68
CA PRO A 119 16.80 19.31 0.26
C PRO A 119 15.30 19.31 0.53
N LYS A 120 14.91 19.77 1.73
CA LYS A 120 13.50 19.84 2.07
C LYS A 120 12.88 20.87 1.15
N ALA A 121 11.70 20.56 0.61
CA ALA A 121 11.00 21.48 -0.26
C ALA A 121 9.54 21.58 0.17
N ALA A 122 9.09 22.80 0.44
CA ALA A 122 7.72 23.04 0.88
C ALA A 122 6.75 22.81 -0.28
N PRO A 123 5.55 22.31 0.02
CA PRO A 123 4.55 22.04 -1.03
C PRO A 123 3.81 23.26 -1.55
N SER A 124 3.42 23.18 -2.82
CA SER A 124 2.62 24.23 -3.45
C SER A 124 1.24 23.62 -3.37
N VAL A 125 0.25 24.41 -2.98
CA VAL A 125 -1.11 23.92 -2.86
C VAL A 125 -2.06 24.67 -3.78
N THR A 126 -2.84 23.93 -4.56
CA THR A 126 -3.82 24.50 -5.46
C THR A 126 -5.15 23.84 -5.13
N LEU A 127 -6.14 24.65 -4.77
CA LEU A 127 -7.45 24.12 -4.42
C LEU A 127 -8.49 24.46 -5.49
N PHE A 128 -9.10 23.43 -6.05
CA PHE A 128 -10.11 23.58 -7.09
C PHE A 128 -11.52 23.43 -6.55
N PRO A 129 -12.39 24.39 -6.83
CA PRO A 129 -13.77 24.30 -6.34
C PRO A 129 -14.55 23.37 -7.27
N PRO A 130 -15.80 23.04 -6.92
CA PRO A 130 -16.60 22.15 -7.77
C PRO A 130 -16.78 22.77 -9.16
N SER A 131 -16.74 21.95 -10.19
CA SER A 131 -16.94 22.46 -11.54
C SER A 131 -18.42 22.75 -11.73
N SER A 132 -18.75 23.65 -12.64
CA SER A 132 -20.16 23.96 -12.89
C SER A 132 -20.82 22.67 -13.39
N GLU A 133 -20.07 21.86 -14.13
CA GLU A 133 -20.62 20.61 -14.66
C GLU A 133 -20.99 19.64 -13.54
N GLU A 134 -20.13 19.49 -12.55
CA GLU A 134 -20.44 18.58 -11.46
C GLU A 134 -21.63 19.10 -10.66
N LEU A 135 -21.69 20.41 -10.44
CA LEU A 135 -22.80 20.99 -9.69
C LEU A 135 -24.11 20.78 -10.43
N GLN A 136 -24.06 20.85 -11.76
CA GLN A 136 -25.25 20.67 -12.58
C GLN A 136 -25.65 19.20 -12.58
N ALA A 137 -24.76 18.35 -12.07
CA ALA A 137 -25.01 16.92 -11.95
C ALA A 137 -25.41 16.63 -10.50
N ASN A 138 -25.68 17.71 -9.75
CA ASN A 138 -26.09 17.61 -8.36
C ASN A 138 -25.05 17.01 -7.41
N LYS A 139 -23.78 17.25 -7.71
CA LYS A 139 -22.68 16.75 -6.90
C LYS A 139 -21.67 17.87 -6.74
N ALA A 140 -20.75 17.70 -5.79
CA ALA A 140 -19.73 18.69 -5.56
C ALA A 140 -18.50 18.02 -4.96
N THR A 141 -17.35 18.31 -5.54
CA THR A 141 -16.10 17.76 -5.05
C THR A 141 -15.03 18.84 -5.08
N LEU A 142 -14.34 19.01 -3.95
CA LEU A 142 -13.26 19.98 -3.87
C LEU A 142 -12.00 19.16 -4.07
N VAL A 143 -11.08 19.65 -4.90
CA VAL A 143 -9.85 18.92 -5.15
C VAL A 143 -8.65 19.72 -4.74
N CYS A 144 -7.88 19.16 -3.80
CA CYS A 144 -6.69 19.81 -3.30
C CYS A 144 -5.46 19.13 -3.88
N LEU A 145 -4.76 19.83 -4.79
CA LEU A 145 -3.57 19.28 -5.40
C LEU A 145 -2.34 19.83 -4.71
N ILE A 146 -1.50 18.92 -4.20
CA ILE A 146 -0.30 19.26 -3.47
C ILE A 146 0.90 18.82 -4.31
N SER A 147 1.84 19.73 -4.57
CA SER A 147 2.98 19.36 -5.40
C SER A 147 4.33 19.96 -5.02
N ASP A 148 5.36 19.44 -5.68
CA ASP A 148 6.75 19.87 -5.50
C ASP A 148 7.27 19.87 -4.08
N PHE A 149 6.95 18.83 -3.31
CA PHE A 149 7.46 18.77 -1.95
C PHE A 149 8.39 17.60 -1.70
N TYR A 150 9.23 17.75 -0.67
CA TYR A 150 10.17 16.71 -0.28
C TYR A 150 10.52 16.95 1.18
N PRO A 151 10.55 15.88 2.01
CA PRO A 151 10.28 14.47 1.71
C PRO A 151 8.83 14.20 1.28
N GLY A 152 8.57 12.97 0.85
CA GLY A 152 7.24 12.61 0.40
C GLY A 152 6.22 12.21 1.44
N ALA A 153 5.86 13.14 2.32
CA ALA A 153 4.87 12.85 3.35
C ALA A 153 4.21 14.14 3.79
N VAL A 154 2.88 14.10 3.89
CA VAL A 154 2.12 15.27 4.32
C VAL A 154 0.84 14.80 4.98
N THR A 155 0.19 15.73 5.69
CA THR A 155 -1.09 15.45 6.31
C THR A 155 -1.98 16.56 5.80
N VAL A 156 -3.27 16.26 5.63
CA VAL A 156 -4.19 17.26 5.11
C VAL A 156 -5.38 17.42 6.05
N ALA A 157 -5.75 18.67 6.27
CA ALA A 157 -6.89 18.99 7.12
C ALA A 157 -7.84 19.86 6.32
N TRP A 158 -9.13 19.52 6.36
CA TRP A 158 -10.12 20.30 5.65
C TRP A 158 -10.96 21.07 6.65
N LYS A 159 -11.45 22.22 6.23
CA LYS A 159 -12.30 23.05 7.08
C LYS A 159 -13.50 23.57 6.30
N ALA A 160 -14.66 23.55 6.94
CA ALA A 160 -15.90 24.07 6.36
C ALA A 160 -16.04 25.35 7.17
N ASP A 161 -15.88 26.49 6.51
CA ASP A 161 -15.87 27.77 7.19
C ASP A 161 -14.63 27.62 8.08
N SER A 162 -14.80 27.61 9.40
CA SER A 162 -13.65 27.48 10.28
C SER A 162 -13.60 26.16 11.04
N SER A 163 -14.62 25.33 10.86
CA SER A 163 -14.68 24.06 11.57
C SER A 163 -14.05 22.90 10.82
N PRO A 164 -13.43 21.96 11.56
CA PRO A 164 -12.79 20.80 10.95
C PRO A 164 -13.85 19.90 10.31
N VAL A 165 -13.50 19.31 9.16
CA VAL A 165 -14.41 18.39 8.50
C VAL A 165 -13.58 17.17 8.09
N LYS A 166 -13.99 16.00 8.56
CA LYS A 166 -13.28 14.75 8.28
C LYS A 166 -14.10 13.82 7.41
N ALA A 167 -15.42 13.98 7.45
CA ALA A 167 -16.30 13.13 6.66
C ALA A 167 -16.15 13.45 5.17
N GLY A 168 -16.17 12.42 4.33
CA GLY A 168 -16.05 12.62 2.90
C GLY A 168 -14.67 13.02 2.41
N VAL A 169 -13.65 12.78 3.24
CA VAL A 169 -12.29 13.12 2.86
C VAL A 169 -11.51 11.89 2.42
N GLU A 170 -10.75 12.04 1.34
CA GLU A 170 -9.93 10.94 0.82
C GLU A 170 -8.63 11.58 0.34
N THR A 171 -7.49 10.98 0.69
CA THR A 171 -6.20 11.53 0.31
C THR A 171 -5.27 10.43 -0.19
N THR A 172 -4.50 10.72 -1.23
CA THR A 172 -3.59 9.72 -1.78
C THR A 172 -2.23 9.78 -1.11
N THR A 173 -1.50 8.67 -1.19
CA THR A 173 -0.17 8.62 -0.64
C THR A 173 0.68 9.34 -1.68
N PRO A 174 1.58 10.23 -1.22
CA PRO A 174 2.43 10.97 -2.16
C PRO A 174 3.18 10.12 -3.18
N SER A 175 3.09 10.57 -4.43
CA SER A 175 3.71 9.90 -5.57
C SER A 175 4.82 10.80 -6.13
N LYS A 176 5.89 10.21 -6.62
CA LYS A 176 6.97 11.01 -7.17
C LYS A 176 6.60 11.64 -8.51
N GLN A 177 6.99 12.89 -8.68
CA GLN A 177 6.72 13.63 -9.90
C GLN A 177 7.90 13.44 -10.86
N SER A 178 7.75 13.92 -12.09
CA SER A 178 8.81 13.81 -13.08
C SER A 178 10.10 14.49 -12.63
N ASN A 179 9.98 15.52 -11.81
CA ASN A 179 11.16 16.25 -11.34
C ASN A 179 11.76 15.69 -10.05
N ASN A 180 11.33 14.49 -9.67
CA ASN A 180 11.82 13.80 -8.47
C ASN A 180 11.26 14.27 -7.12
N LYS A 181 10.45 15.33 -7.16
CA LYS A 181 9.83 15.81 -5.93
C LYS A 181 8.52 15.04 -5.82
N TYR A 182 7.74 15.30 -4.78
CA TYR A 182 6.49 14.58 -4.62
C TYR A 182 5.22 15.40 -4.83
N ALA A 183 4.13 14.69 -5.07
CA ALA A 183 2.83 15.30 -5.26
C ALA A 183 1.82 14.44 -4.53
N ALA A 184 0.69 15.03 -4.17
CA ALA A 184 -0.36 14.30 -3.49
C ALA A 184 -1.67 14.98 -3.81
N SER A 185 -2.77 14.28 -3.59
CA SER A 185 -4.08 14.86 -3.85
C SER A 185 -5.04 14.53 -2.70
N SER A 186 -5.98 15.42 -2.44
CA SER A 186 -6.95 15.19 -1.39
C SER A 186 -8.31 15.64 -1.90
N TYR A 187 -9.35 14.91 -1.55
CA TYR A 187 -10.69 15.23 -2.00
C TYR A 187 -11.67 15.37 -0.86
N LEU A 188 -12.60 16.31 -1.01
CA LEU A 188 -13.66 16.52 -0.04
C LEU A 188 -14.98 16.47 -0.81
N SER A 189 -15.80 15.48 -0.50
CA SER A 189 -17.09 15.32 -1.16
C SER A 189 -18.14 16.04 -0.34
N LEU A 190 -18.91 16.88 -1.02
CA LEU A 190 -19.96 17.67 -0.38
C LEU A 190 -21.18 17.67 -1.28
N THR A 191 -22.31 18.13 -0.74
CA THR A 191 -23.52 18.23 -1.53
C THR A 191 -23.52 19.66 -2.05
N PRO A 192 -24.26 19.92 -3.14
CA PRO A 192 -24.28 21.30 -3.64
C PRO A 192 -24.79 22.26 -2.56
N GLU A 193 -25.72 21.77 -1.74
CA GLU A 193 -26.30 22.58 -0.66
C GLU A 193 -25.24 23.00 0.36
N GLN A 194 -24.38 22.07 0.73
CA GLN A 194 -23.31 22.37 1.69
C GLN A 194 -22.35 23.38 1.09
N TRP A 195 -21.96 23.13 -0.16
CA TRP A 195 -21.03 24.00 -0.86
C TRP A 195 -21.55 25.44 -0.89
N LYS A 196 -22.84 25.59 -1.18
CA LYS A 196 -23.46 26.89 -1.27
C LYS A 196 -23.70 27.58 0.07
N SER A 197 -24.00 26.80 1.10
CA SER A 197 -24.32 27.33 2.42
C SER A 197 -23.16 27.79 3.31
N HIS A 198 -21.93 27.38 2.99
CA HIS A 198 -20.80 27.83 3.79
C HIS A 198 -20.16 29.00 3.09
N LYS A 199 -19.45 29.85 3.85
CA LYS A 199 -18.79 31.00 3.25
C LYS A 199 -17.53 30.55 2.52
N SER A 200 -16.94 29.46 2.97
CA SER A 200 -15.74 28.94 2.33
C SER A 200 -15.36 27.57 2.84
N TYR A 201 -14.42 26.95 2.12
CA TYR A 201 -13.87 25.66 2.49
C TYR A 201 -12.37 25.83 2.29
N SER A 202 -11.59 25.17 3.13
CA SER A 202 -10.14 25.29 3.04
C SER A 202 -9.45 23.94 3.13
N CYS A 203 -8.28 23.88 2.49
CA CYS A 203 -7.45 22.70 2.50
C CYS A 203 -6.13 23.17 3.10
N GLN A 204 -5.81 22.65 4.28
CA GLN A 204 -4.56 23.03 4.95
C GLN A 204 -3.62 21.84 4.97
N VAL A 205 -2.48 22.00 4.32
CA VAL A 205 -1.49 20.92 4.25
C VAL A 205 -0.34 21.19 5.19
N THR A 206 0.08 20.17 5.91
CA THR A 206 1.20 20.28 6.85
C THR A 206 2.32 19.39 6.32
N HIS A 207 3.46 20.01 6.07
CA HIS A 207 4.63 19.30 5.56
C HIS A 207 5.81 19.63 6.46
N GLU A 208 6.38 18.61 7.10
CA GLU A 208 7.50 18.84 8.01
C GLU A 208 7.13 19.91 9.03
N GLY A 209 5.94 19.79 9.62
CA GLY A 209 5.50 20.72 10.63
C GLY A 209 5.05 22.11 10.19
N SER A 210 5.28 22.47 8.93
CA SER A 210 4.87 23.77 8.43
C SER A 210 3.63 23.66 7.57
N THR A 211 2.70 24.59 7.74
CA THR A 211 1.45 24.56 7.00
C THR A 211 1.34 25.51 5.82
N VAL A 212 0.59 25.07 4.81
CA VAL A 212 0.32 25.84 3.60
C VAL A 212 -1.15 25.61 3.34
N GLU A 213 -1.94 26.67 3.25
CA GLU A 213 -3.36 26.48 3.01
C GLU A 213 -3.93 27.33 1.91
N LYS A 214 -5.02 26.83 1.33
CA LYS A 214 -5.73 27.53 0.26
C LYS A 214 -7.21 27.48 0.63
N THR A 215 -7.93 28.52 0.25
CA THR A 215 -9.35 28.63 0.55
C THR A 215 -10.14 28.95 -0.73
N VAL A 216 -11.35 28.40 -0.83
CA VAL A 216 -12.21 28.66 -1.98
C VAL A 216 -13.63 28.92 -1.49
N ALA A 217 -14.43 29.59 -2.32
CA ALA A 217 -15.80 29.90 -1.97
C ALA A 217 -16.70 29.86 -3.21
N PRO A 218 -18.01 29.66 -3.01
CA PRO A 218 -18.96 29.59 -4.14
C PRO A 218 -18.85 30.82 -5.06
N THR A 219 -18.84 30.56 -6.36
CA THR A 219 -18.73 31.62 -7.37
C THR A 219 -19.98 32.51 -7.39
N GLU B 1 13.44 -22.68 -12.23
CA GLU B 1 13.96 -21.93 -11.05
C GLU B 1 13.10 -22.17 -9.81
N VAL B 2 13.67 -21.88 -8.64
CA VAL B 2 12.97 -22.05 -7.37
C VAL B 2 11.99 -20.89 -7.18
N GLN B 3 10.70 -21.20 -7.18
CA GLN B 3 9.70 -20.14 -7.06
C GLN B 3 8.30 -20.62 -6.70
N LEU B 4 7.44 -19.66 -6.39
CA LEU B 4 6.04 -19.89 -6.06
C LEU B 4 5.27 -18.98 -7.00
N VAL B 5 4.36 -19.55 -7.77
CA VAL B 5 3.56 -18.76 -8.71
C VAL B 5 2.09 -18.87 -8.34
N GLU B 6 1.49 -17.73 -8.00
CA GLU B 6 0.09 -17.71 -7.59
C GLU B 6 -0.91 -17.41 -8.70
N SER B 7 -2.15 -17.80 -8.46
CA SER B 7 -3.23 -17.59 -9.43
C SER B 7 -3.54 -16.11 -9.60
N GLY B 8 -4.29 -15.79 -10.65
CA GLY B 8 -4.63 -14.41 -10.96
C GLY B 8 -5.57 -13.64 -10.05
N GLY B 9 -5.42 -12.32 -10.03
CA GLY B 9 -6.27 -11.49 -9.20
C GLY B 9 -7.73 -11.55 -9.60
N GLU B 10 -8.63 -11.38 -8.64
CA GLU B 10 -10.06 -11.45 -8.96
C GLU B 10 -10.91 -10.45 -8.17
N VAL B 11 -12.01 -10.03 -8.78
CA VAL B 11 -12.97 -9.15 -8.12
C VAL B 11 -14.15 -10.07 -7.82
N LYS B 12 -14.53 -10.15 -6.55
CA LYS B 12 -15.62 -11.03 -6.13
C LYS B 12 -16.71 -10.28 -5.38
N GLN B 13 -17.90 -10.86 -5.34
CA GLN B 13 -19.02 -10.25 -4.63
C GLN B 13 -19.09 -10.90 -3.26
N PRO B 14 -19.51 -10.16 -2.24
CA PRO B 14 -19.60 -10.80 -0.92
C PRO B 14 -20.62 -11.93 -1.00
N GLY B 15 -20.38 -13.01 -0.25
CA GLY B 15 -21.28 -14.14 -0.28
C GLY B 15 -20.80 -15.23 -1.21
N GLN B 16 -19.91 -14.89 -2.13
CA GLN B 16 -19.39 -15.87 -3.10
C GLN B 16 -18.27 -16.73 -2.52
N SER B 17 -18.04 -17.89 -3.13
CA SER B 17 -16.99 -18.79 -2.69
C SER B 17 -15.72 -18.41 -3.46
N LEU B 18 -14.57 -18.87 -2.99
CA LEU B 18 -13.31 -18.56 -3.65
C LEU B 18 -12.21 -19.53 -3.27
N LYS B 19 -11.37 -19.86 -4.24
CA LYS B 19 -10.24 -20.75 -4.02
C LYS B 19 -9.10 -20.20 -4.85
N ILE B 20 -7.99 -19.87 -4.19
CA ILE B 20 -6.83 -19.34 -4.89
C ILE B 20 -5.72 -20.37 -4.76
N SER B 21 -4.77 -20.37 -5.69
CA SER B 21 -3.70 -21.35 -5.68
C SER B 21 -2.30 -20.79 -5.70
N CYS B 22 -1.35 -21.65 -5.36
CA CYS B 22 0.05 -21.31 -5.30
C CYS B 22 0.84 -22.53 -5.79
N LYS B 23 1.38 -22.43 -7.00
CA LYS B 23 2.15 -23.53 -7.58
C LYS B 23 3.63 -23.39 -7.29
N SER B 24 4.19 -24.43 -6.68
CA SER B 24 5.59 -24.47 -6.28
C SER B 24 6.46 -25.24 -7.28
N SER B 25 7.71 -24.80 -7.42
CA SER B 25 8.64 -25.48 -8.32
C SER B 25 10.08 -25.15 -7.90
N GLY B 26 11.03 -25.99 -8.30
CA GLY B 26 12.42 -25.72 -7.99
C GLY B 26 13.00 -26.36 -6.74
N TYR B 27 12.15 -27.02 -5.94
CA TYR B 27 12.60 -27.68 -4.72
C TYR B 27 11.60 -28.78 -4.34
N ASN B 28 11.91 -29.55 -3.30
CA ASN B 28 10.99 -30.61 -2.88
C ASN B 28 9.78 -30.04 -2.15
N PHE B 29 8.68 -29.89 -2.89
CA PHE B 29 7.43 -29.33 -2.36
C PHE B 29 6.90 -29.95 -1.07
N LEU B 30 7.01 -31.27 -0.94
CA LEU B 30 6.48 -31.93 0.25
C LEU B 30 7.18 -31.61 1.56
N ASP B 31 8.47 -31.30 1.49
CA ASP B 31 9.26 -31.09 2.69
C ASP B 31 9.39 -29.73 3.35
N SER B 32 8.76 -28.69 2.79
CA SER B 32 8.84 -27.36 3.39
C SER B 32 7.45 -26.81 3.68
N TRP B 33 7.28 -26.23 4.87
CA TRP B 33 6.00 -25.64 5.23
C TRP B 33 5.67 -24.52 4.26
N ILE B 34 4.38 -24.32 4.00
CA ILE B 34 3.93 -23.24 3.12
C ILE B 34 3.12 -22.30 3.99
N GLY B 35 3.41 -21.01 3.90
CA GLY B 35 2.69 -20.05 4.70
C GLY B 35 1.83 -19.14 3.84
N TRP B 36 0.81 -18.55 4.46
CA TRP B 36 -0.07 -17.63 3.77
C TRP B 36 -0.10 -16.36 4.59
N VAL B 37 -0.05 -15.23 3.90
CA VAL B 37 -0.03 -13.91 4.52
C VAL B 37 -0.89 -12.97 3.70
N ARG B 38 -1.64 -12.11 4.38
CA ARG B 38 -2.48 -11.15 3.66
C ARG B 38 -1.97 -9.76 3.92
N GLN B 39 -2.09 -8.90 2.92
CA GLN B 39 -1.67 -7.52 3.07
C GLN B 39 -2.71 -6.63 2.41
N ILE B 40 -3.41 -5.87 3.24
CA ILE B 40 -4.41 -4.95 2.73
C ILE B 40 -3.62 -3.80 2.12
N PRO B 41 -4.00 -3.35 0.91
CA PRO B 41 -3.29 -2.25 0.27
C PRO B 41 -2.96 -1.10 1.23
N GLY B 42 -1.68 -0.78 1.35
CA GLY B 42 -1.26 0.30 2.23
C GLY B 42 -1.05 -0.10 3.69
N LYS B 43 -1.28 -1.37 4.00
CA LYS B 43 -1.13 -1.87 5.35
C LYS B 43 0.00 -2.89 5.49
N GLY B 44 0.16 -3.43 6.70
CA GLY B 44 1.22 -4.40 6.96
C GLY B 44 0.91 -5.84 6.61
N LEU B 45 1.82 -6.73 6.97
CA LEU B 45 1.67 -8.15 6.70
C LEU B 45 0.89 -8.84 7.81
N GLU B 46 -0.13 -9.61 7.43
CA GLU B 46 -0.95 -10.33 8.41
C GLU B 46 -0.85 -11.83 8.16
N TRP B 47 -0.42 -12.58 9.17
CA TRP B 47 -0.28 -14.02 9.03
C TRP B 47 -1.64 -14.73 9.00
N ILE B 48 -1.78 -15.66 8.08
CA ILE B 48 -3.02 -16.43 7.94
C ILE B 48 -2.82 -17.83 8.50
N GLY B 49 -1.74 -18.48 8.09
CA GLY B 49 -1.45 -19.82 8.57
C GLY B 49 -0.32 -20.50 7.82
N ILE B 50 0.02 -21.72 8.25
CA ILE B 50 1.05 -22.52 7.61
C ILE B 50 0.52 -23.94 7.51
N ILE B 51 0.98 -24.65 6.49
CA ILE B 51 0.56 -26.03 6.28
C ILE B 51 1.75 -26.82 5.75
N TYR B 52 1.91 -28.05 6.21
CA TYR B 52 3.01 -28.89 5.79
C TYR B 52 2.48 -29.80 4.67
N PRO B 53 2.94 -29.59 3.43
CA PRO B 53 2.50 -30.37 2.27
C PRO B 53 2.52 -31.90 2.38
N ASP B 54 3.55 -32.45 3.03
CA ASP B 54 3.66 -33.90 3.14
C ASP B 54 2.52 -34.59 3.87
N ASP B 55 1.95 -33.94 4.89
CA ASP B 55 0.87 -34.54 5.67
C ASP B 55 -0.32 -33.63 5.97
N SER B 56 -0.26 -32.40 5.45
CA SER B 56 -1.31 -31.42 5.65
C SER B 56 -1.51 -30.94 7.08
N ASP B 57 -0.49 -31.13 7.92
CA ASP B 57 -0.55 -30.66 9.31
C ASP B 57 -0.68 -29.14 9.16
N ALA B 58 -1.53 -28.50 9.95
CA ALA B 58 -1.70 -27.06 9.81
C ALA B 58 -1.87 -26.27 11.09
N HIS B 59 -1.47 -25.01 11.03
CA HIS B 59 -1.58 -24.08 12.14
C HIS B 59 -2.21 -22.82 11.55
N TYR B 60 -3.33 -22.38 12.12
CA TYR B 60 -4.02 -21.19 11.63
C TYR B 60 -3.93 -20.02 12.60
N SER B 61 -4.08 -18.82 12.07
CA SER B 61 -4.11 -17.61 12.88
C SER B 61 -5.56 -17.54 13.37
N PRO B 62 -5.76 -17.22 14.66
CA PRO B 62 -7.11 -17.13 15.21
C PRO B 62 -7.98 -16.15 14.42
N SER B 63 -7.34 -15.20 13.76
CA SER B 63 -8.04 -14.19 12.97
C SER B 63 -8.63 -14.76 11.68
N PHE B 64 -8.04 -15.84 11.18
CA PHE B 64 -8.50 -16.44 9.94
C PHE B 64 -9.13 -17.83 10.08
N GLU B 65 -8.92 -18.47 11.23
CA GLU B 65 -9.46 -19.81 11.48
C GLU B 65 -10.97 -19.89 11.24
N GLY B 66 -11.40 -20.98 10.60
CA GLY B 66 -12.82 -21.17 10.34
C GLY B 66 -13.40 -20.24 9.29
N GLN B 67 -12.59 -19.33 8.79
CA GLN B 67 -13.02 -18.38 7.78
C GLN B 67 -12.43 -18.80 6.44
N VAL B 68 -11.25 -19.40 6.50
CA VAL B 68 -10.56 -19.86 5.30
C VAL B 68 -9.97 -21.22 5.60
N THR B 69 -9.72 -22.00 4.54
CA THR B 69 -9.17 -23.34 4.69
C THR B 69 -7.93 -23.52 3.83
N MET B 70 -6.88 -24.08 4.41
CA MET B 70 -5.65 -24.34 3.68
C MET B 70 -5.66 -25.81 3.27
N SER B 71 -5.14 -26.10 2.08
CA SER B 71 -5.06 -27.46 1.58
C SER B 71 -3.94 -27.53 0.56
N VAL B 72 -3.58 -28.74 0.17
CA VAL B 72 -2.56 -28.92 -0.84
C VAL B 72 -2.91 -30.12 -1.70
N ASP B 73 -2.38 -30.14 -2.91
CA ASP B 73 -2.57 -31.26 -3.80
C ASP B 73 -1.13 -31.66 -4.11
N LYS B 74 -0.65 -32.68 -3.42
CA LYS B 74 0.73 -33.14 -3.58
C LYS B 74 1.11 -33.49 -5.01
N SER B 75 0.16 -34.07 -5.76
CA SER B 75 0.44 -34.48 -7.13
C SER B 75 0.84 -33.35 -8.07
N ILE B 76 0.36 -32.13 -7.79
CA ILE B 76 0.68 -31.01 -8.66
C ILE B 76 1.42 -29.87 -7.96
N SER B 77 2.08 -30.16 -6.85
CA SER B 77 2.83 -29.17 -6.09
C SER B 77 2.08 -27.85 -5.93
N THR B 78 0.82 -27.93 -5.56
CA THR B 78 0.00 -26.74 -5.41
C THR B 78 -0.63 -26.61 -4.03
N ALA B 79 -0.61 -25.40 -3.50
CA ALA B 79 -1.19 -25.11 -2.20
C ALA B 79 -2.37 -24.19 -2.46
N TYR B 80 -3.45 -24.37 -1.71
CA TYR B 80 -4.64 -23.54 -1.90
C TYR B 80 -5.15 -22.87 -0.63
N LEU B 81 -5.88 -21.79 -0.82
CA LEU B 81 -6.53 -21.07 0.26
C LEU B 81 -7.96 -20.94 -0.24
N GLN B 82 -8.93 -21.40 0.54
CA GLN B 82 -10.31 -21.31 0.08
C GLN B 82 -11.31 -20.77 1.09
N TRP B 83 -12.29 -20.04 0.57
CA TRP B 83 -13.36 -19.44 1.38
C TRP B 83 -14.69 -20.04 0.94
N THR B 84 -15.58 -20.27 1.90
CA THR B 84 -16.90 -20.79 1.59
C THR B 84 -17.79 -19.59 1.25
N THR B 85 -17.63 -18.53 2.04
CA THR B 85 -18.42 -17.30 1.85
C THR B 85 -17.58 -16.06 2.09
N LEU B 86 -17.33 -15.30 1.03
CA LEU B 86 -16.52 -14.08 1.15
C LEU B 86 -17.23 -12.89 1.80
N GLN B 87 -16.44 -12.05 2.46
CA GLN B 87 -16.93 -10.84 3.11
C GLN B 87 -16.05 -9.70 2.60
N ALA B 88 -16.55 -8.47 2.65
CA ALA B 88 -15.78 -7.32 2.20
C ALA B 88 -14.45 -7.26 2.94
N SER B 89 -14.46 -7.72 4.20
CA SER B 89 -13.25 -7.72 5.01
C SER B 89 -12.21 -8.74 4.55
N ASP B 90 -12.53 -9.53 3.53
CA ASP B 90 -11.59 -10.51 3.01
C ASP B 90 -10.72 -9.89 1.92
N THR B 91 -11.03 -8.65 1.55
CA THR B 91 -10.28 -7.95 0.53
C THR B 91 -8.80 -7.85 0.91
N GLY B 92 -7.92 -8.00 -0.08
CA GLY B 92 -6.50 -7.91 0.20
C GLY B 92 -5.61 -8.70 -0.75
N LYS B 93 -4.31 -8.45 -0.66
CA LYS B 93 -3.36 -9.16 -1.50
C LYS B 93 -2.90 -10.37 -0.70
N TYR B 94 -3.09 -11.55 -1.25
CA TYR B 94 -2.71 -12.77 -0.55
C TYR B 94 -1.42 -13.37 -1.08
N PHE B 95 -0.46 -13.57 -0.19
CA PHE B 95 0.83 -14.15 -0.55
C PHE B 95 1.01 -15.55 0.02
N CYS B 96 1.63 -16.42 -0.75
CA CYS B 96 1.96 -17.74 -0.22
C CYS B 96 3.47 -17.62 -0.13
N THR B 97 4.07 -18.36 0.79
CA THR B 97 5.50 -18.28 0.97
C THR B 97 6.03 -19.60 1.51
N ARG B 98 7.30 -19.88 1.25
CA ARG B 98 7.89 -21.10 1.76
C ARG B 98 8.77 -20.87 2.96
N LEU B 99 8.57 -21.68 3.98
CA LEU B 99 9.37 -21.61 5.20
C LEU B 99 10.55 -22.53 4.95
N TYR B 100 11.75 -21.96 4.92
CA TYR B 100 12.94 -22.77 4.68
C TYR B 100 13.58 -23.16 6.00
N LEU B 101 14.06 -24.39 6.07
CA LEU B 101 14.75 -24.86 7.27
C LEU B 101 16.24 -24.77 6.96
N PHE B 102 16.92 -23.82 7.61
CA PHE B 102 18.35 -23.64 7.40
C PHE B 102 19.04 -24.64 8.32
N GLU B 103 19.74 -25.61 7.74
CA GLU B 103 20.44 -26.62 8.50
C GLU B 103 21.88 -26.24 8.78
N GLY B 104 22.07 -25.16 9.53
CA GLY B 104 23.40 -24.70 9.86
C GLY B 104 23.86 -25.23 11.21
N ALA B 105 24.88 -24.60 11.80
CA ALA B 105 25.39 -25.03 13.10
C ALA B 105 24.22 -25.19 14.06
N GLN B 106 23.30 -24.24 13.98
CA GLN B 106 22.08 -24.27 14.80
C GLN B 106 20.96 -24.18 13.76
N SER B 107 19.87 -24.90 13.98
CA SER B 107 18.77 -24.87 13.03
C SER B 107 17.83 -23.68 13.28
N SER B 108 17.28 -23.16 12.19
CA SER B 108 16.36 -22.03 12.26
C SER B 108 15.56 -22.00 10.97
N ASN B 109 14.49 -21.20 10.97
CA ASN B 109 13.62 -21.13 9.80
C ASN B 109 13.30 -19.69 9.42
N ALA B 110 12.95 -19.50 8.15
CA ALA B 110 12.59 -18.18 7.65
C ALA B 110 11.90 -18.33 6.30
N PHE B 111 11.00 -17.39 5.99
CA PHE B 111 10.27 -17.41 4.72
C PHE B 111 11.13 -16.80 3.64
N ASP B 112 11.89 -17.65 2.96
CA ASP B 112 12.82 -17.20 1.93
C ASP B 112 12.23 -17.06 0.52
N LEU B 113 11.15 -17.77 0.27
CA LEU B 113 10.51 -17.73 -1.04
C LEU B 113 9.11 -17.16 -0.94
N TRP B 114 8.79 -16.20 -1.79
CA TRP B 114 7.47 -15.59 -1.78
C TRP B 114 6.83 -15.54 -3.16
N GLY B 115 5.53 -15.82 -3.21
CA GLY B 115 4.82 -15.75 -4.47
C GLY B 115 4.62 -14.29 -4.82
N GLN B 116 4.09 -14.01 -6.01
CA GLN B 116 3.88 -12.63 -6.45
C GLN B 116 2.62 -12.00 -5.86
N GLY B 117 1.84 -12.80 -5.14
CA GLY B 117 0.62 -12.30 -4.54
C GLY B 117 -0.57 -12.42 -5.46
N THR B 118 -1.76 -12.53 -4.86
CA THR B 118 -3.01 -12.61 -5.60
C THR B 118 -3.92 -11.55 -4.99
N MET B 119 -4.26 -10.53 -5.77
CA MET B 119 -5.12 -9.47 -5.26
C MET B 119 -6.59 -9.88 -5.34
N ILE B 120 -7.25 -9.89 -4.18
CA ILE B 120 -8.65 -10.26 -4.11
C ILE B 120 -9.44 -9.05 -3.62
N LEU B 121 -10.35 -8.57 -4.47
CA LEU B 121 -11.17 -7.43 -4.11
C LEU B 121 -12.61 -7.90 -3.94
N VAL B 122 -13.12 -7.85 -2.71
CA VAL B 122 -14.48 -8.27 -2.45
C VAL B 122 -15.33 -7.01 -2.36
N SER B 123 -16.15 -6.78 -3.37
CA SER B 123 -16.98 -5.59 -3.41
C SER B 123 -18.32 -5.86 -4.07
N SER B 124 -19.34 -5.11 -3.65
CA SER B 124 -20.67 -5.25 -4.21
C SER B 124 -20.85 -4.23 -5.33
N GLY B 125 -19.79 -3.50 -5.64
CA GLY B 125 -19.85 -2.50 -6.69
C GLY B 125 -19.96 -3.06 -8.09
N THR B 126 -20.76 -2.41 -8.93
CA THR B 126 -20.93 -2.86 -10.30
C THR B 126 -19.93 -2.12 -11.18
N THR B 127 -19.54 -2.75 -12.28
CA THR B 127 -18.62 -2.14 -13.23
C THR B 127 -19.25 -0.85 -13.74
N LYS B 128 -18.55 0.27 -13.54
CA LYS B 128 -19.08 1.57 -13.96
C LYS B 128 -18.01 2.52 -14.47
N GLY B 129 -18.34 3.24 -15.54
CA GLY B 129 -17.41 4.20 -16.11
C GLY B 129 -17.45 5.48 -15.30
N PRO B 130 -16.37 6.27 -15.29
CA PRO B 130 -16.35 7.51 -14.52
C PRO B 130 -16.99 8.70 -15.21
N SER B 131 -17.30 9.72 -14.41
CA SER B 131 -17.81 10.97 -14.92
C SER B 131 -16.53 11.80 -14.91
N VAL B 132 -16.28 12.56 -15.97
CA VAL B 132 -15.08 13.36 -16.04
C VAL B 132 -15.43 14.83 -15.97
N PHE B 133 -14.87 15.52 -14.97
CA PHE B 133 -15.14 16.94 -14.78
C PHE B 133 -13.87 17.74 -14.96
N PRO B 134 -13.97 18.93 -15.56
CA PRO B 134 -12.77 19.73 -15.75
C PRO B 134 -12.40 20.45 -14.46
N LEU B 135 -11.09 20.66 -14.27
CA LEU B 135 -10.59 21.39 -13.12
C LEU B 135 -9.96 22.62 -13.79
N ALA B 136 -10.76 23.67 -13.93
CA ALA B 136 -10.34 24.90 -14.59
C ALA B 136 -9.06 25.50 -14.02
N PRO B 137 -8.19 26.01 -14.91
CA PRO B 137 -6.90 26.63 -14.58
C PRO B 137 -6.92 27.52 -13.36
N SER B 138 -5.98 27.27 -12.46
CA SER B 138 -5.85 28.05 -11.24
C SER B 138 -4.37 28.35 -11.02
N SER B 139 -4.05 29.58 -10.65
CA SER B 139 -2.68 30.00 -10.42
C SER B 139 -1.93 29.01 -9.53
N LYS B 140 -0.70 28.67 -9.92
CA LYS B 140 0.11 27.74 -9.16
C LYS B 140 1.36 28.42 -8.60
N SER B 141 2.11 29.09 -9.47
CA SER B 141 3.34 29.77 -9.06
C SER B 141 3.10 31.21 -8.66
N THR B 142 2.38 31.42 -7.56
CA THR B 142 2.07 32.75 -7.04
C THR B 142 1.85 33.76 -8.17
N SER B 143 0.89 33.46 -9.04
CA SER B 143 0.58 34.33 -10.17
C SER B 143 1.85 34.86 -10.83
N GLY B 144 2.89 34.04 -10.84
CA GLY B 144 4.15 34.44 -11.44
C GLY B 144 4.22 34.11 -12.91
N GLY B 145 3.87 32.87 -13.27
CA GLY B 145 3.92 32.47 -14.65
C GLY B 145 3.28 31.13 -14.99
N THR B 146 3.11 30.26 -13.99
CA THR B 146 2.52 28.95 -14.23
C THR B 146 1.15 28.77 -13.59
N ALA B 147 0.35 27.89 -14.19
CA ALA B 147 -0.98 27.60 -13.69
C ALA B 147 -1.20 26.09 -13.69
N ALA B 148 -2.14 25.63 -12.89
CA ALA B 148 -2.43 24.21 -12.83
C ALA B 148 -3.88 23.97 -13.29
N LEU B 149 -4.06 22.99 -14.16
CA LEU B 149 -5.38 22.63 -14.65
C LEU B 149 -5.43 21.11 -14.70
N GLY B 150 -6.62 20.54 -14.77
CA GLY B 150 -6.69 19.09 -14.83
C GLY B 150 -8.07 18.54 -15.06
N CYS B 151 -8.21 17.24 -14.79
CA CYS B 151 -9.47 16.54 -14.94
C CYS B 151 -9.71 15.66 -13.73
N LEU B 152 -10.95 15.71 -13.24
CA LEU B 152 -11.36 14.89 -12.12
C LEU B 152 -12.09 13.69 -12.72
N VAL B 153 -11.57 12.50 -12.47
CA VAL B 153 -12.17 11.27 -13.00
C VAL B 153 -12.88 10.64 -11.80
N LYS B 154 -14.18 10.86 -11.76
CA LYS B 154 -15.01 10.43 -10.64
C LYS B 154 -15.89 9.19 -10.76
N ASP B 155 -15.96 8.47 -9.64
CA ASP B 155 -16.78 7.29 -9.47
C ASP B 155 -16.75 6.18 -10.52
N TYR B 156 -15.64 5.45 -10.57
CA TYR B 156 -15.54 4.34 -11.51
C TYR B 156 -15.20 3.06 -10.75
N PHE B 157 -15.38 1.93 -11.42
CA PHE B 157 -15.08 0.63 -10.82
C PHE B 157 -15.00 -0.41 -11.92
N PRO B 158 -13.95 -1.24 -11.91
CA PRO B 158 -12.86 -1.23 -10.93
C PRO B 158 -11.70 -0.45 -11.53
N GLU B 159 -10.53 -0.53 -10.91
CA GLU B 159 -9.38 0.16 -11.48
C GLU B 159 -8.95 -0.70 -12.67
N PRO B 160 -8.19 -0.13 -13.61
CA PRO B 160 -7.72 1.25 -13.59
C PRO B 160 -8.34 2.06 -14.72
N VAL B 161 -7.93 3.31 -14.81
CA VAL B 161 -8.35 4.20 -15.88
C VAL B 161 -7.05 4.76 -16.39
N THR B 162 -7.02 5.17 -17.64
CA THR B 162 -5.81 5.76 -18.20
C THR B 162 -6.20 7.16 -18.61
N VAL B 163 -5.28 8.10 -18.44
CA VAL B 163 -5.57 9.47 -18.79
C VAL B 163 -4.46 10.01 -19.68
N SER B 164 -4.87 10.61 -20.79
CA SER B 164 -3.94 11.22 -21.72
C SER B 164 -4.37 12.66 -21.88
N TRP B 165 -3.52 13.47 -22.51
CA TRP B 165 -3.86 14.86 -22.76
C TRP B 165 -3.60 15.14 -24.23
N ASN B 166 -4.56 15.79 -24.86
CA ASN B 166 -4.50 16.12 -26.27
C ASN B 166 -4.15 14.91 -27.13
N SER B 167 -4.83 13.81 -26.82
CA SER B 167 -4.66 12.56 -27.54
C SER B 167 -3.26 11.98 -27.48
N GLY B 168 -2.55 12.29 -26.40
CA GLY B 168 -1.20 11.78 -26.22
C GLY B 168 -0.12 12.73 -26.71
N ALA B 169 -0.54 13.85 -27.30
CA ALA B 169 0.40 14.84 -27.81
C ALA B 169 1.06 15.65 -26.69
N LEU B 170 0.38 15.77 -25.56
CA LEU B 170 0.90 16.53 -24.44
C LEU B 170 1.35 15.60 -23.31
N THR B 171 2.65 15.60 -23.02
CA THR B 171 3.19 14.74 -21.97
C THR B 171 3.97 15.52 -20.90
N SER B 172 4.59 16.62 -21.31
CA SER B 172 5.36 17.44 -20.38
C SER B 172 4.48 18.16 -19.36
N GLY B 173 4.90 18.11 -18.09
CA GLY B 173 4.16 18.78 -17.04
C GLY B 173 2.87 18.09 -16.63
N VAL B 174 2.71 16.83 -17.00
CA VAL B 174 1.51 16.09 -16.65
C VAL B 174 1.75 15.12 -15.51
N HIS B 175 0.79 15.04 -14.59
CA HIS B 175 0.88 14.13 -13.47
C HIS B 175 -0.48 13.54 -13.18
N THR B 176 -0.60 12.23 -13.34
CA THR B 176 -1.86 11.55 -13.07
C THR B 176 -1.67 10.81 -11.73
N PHE B 177 -2.50 11.18 -10.76
CA PHE B 177 -2.43 10.61 -9.42
C PHE B 177 -3.01 9.22 -9.28
N PRO B 178 -2.64 8.53 -8.19
CA PRO B 178 -3.16 7.19 -7.92
C PRO B 178 -4.60 7.45 -7.54
N ALA B 179 -5.43 6.42 -7.56
CA ALA B 179 -6.84 6.61 -7.23
C ALA B 179 -7.11 6.47 -5.73
N VAL B 180 -8.24 7.02 -5.30
CA VAL B 180 -8.67 6.91 -3.92
C VAL B 180 -9.91 6.05 -3.97
N LEU B 181 -10.19 5.32 -2.88
CA LEU B 181 -11.38 4.49 -2.82
C LEU B 181 -12.30 5.16 -1.83
N GLN B 182 -13.43 5.67 -2.30
CA GLN B 182 -14.37 6.35 -1.43
C GLN B 182 -15.33 5.39 -0.74
N SER B 183 -16.05 5.91 0.26
CA SER B 183 -16.99 5.13 1.04
C SER B 183 -18.06 4.44 0.19
N SER B 184 -18.26 4.94 -1.02
CA SER B 184 -19.27 4.36 -1.92
C SER B 184 -18.79 3.08 -2.58
N GLY B 185 -17.50 2.79 -2.45
CA GLY B 185 -16.94 1.61 -3.06
C GLY B 185 -16.42 1.89 -4.45
N LEU B 186 -16.57 3.14 -4.90
CA LEU B 186 -16.13 3.57 -6.21
C LEU B 186 -14.82 4.36 -6.12
N TYR B 187 -14.02 4.30 -7.17
CA TYR B 187 -12.75 4.99 -7.22
C TYR B 187 -12.84 6.35 -7.89
N SER B 188 -11.85 7.20 -7.58
CA SER B 188 -11.76 8.53 -8.17
C SER B 188 -10.29 8.93 -8.23
N LEU B 189 -9.92 9.65 -9.29
CA LEU B 189 -8.55 10.12 -9.41
C LEU B 189 -8.56 11.42 -10.20
N SER B 190 -7.41 12.07 -10.25
CA SER B 190 -7.25 13.32 -10.98
C SER B 190 -5.95 13.32 -11.74
N SER B 191 -5.92 14.06 -12.83
CA SER B 191 -4.72 14.22 -13.63
C SER B 191 -4.58 15.72 -13.79
N VAL B 192 -3.42 16.23 -13.42
CA VAL B 192 -3.17 17.66 -13.49
C VAL B 192 -2.01 18.00 -14.41
N VAL B 193 -2.14 19.15 -15.08
CA VAL B 193 -1.11 19.64 -16.00
C VAL B 193 -0.67 21.01 -15.52
N THR B 194 0.64 21.21 -15.41
CA THR B 194 1.17 22.50 -15.01
C THR B 194 1.57 23.17 -16.32
N VAL B 195 1.03 24.34 -16.57
CA VAL B 195 1.31 25.04 -17.83
C VAL B 195 1.53 26.53 -17.65
N PRO B 196 2.12 27.18 -18.67
CA PRO B 196 2.37 28.62 -18.60
C PRO B 196 1.04 29.36 -18.63
N SER B 197 0.85 30.30 -17.71
CA SER B 197 -0.39 31.06 -17.64
C SER B 197 -0.68 31.78 -18.96
N SER B 198 0.37 32.14 -19.68
CA SER B 198 0.23 32.86 -20.94
C SER B 198 -0.33 31.99 -22.08
N SER B 199 -0.50 30.69 -21.81
CA SER B 199 -1.02 29.78 -22.81
C SER B 199 -2.52 29.52 -22.63
N LEU B 200 -3.03 29.85 -21.45
CA LEU B 200 -4.44 29.64 -21.14
C LEU B 200 -5.41 30.26 -22.14
N GLY B 201 -4.94 31.27 -22.88
CA GLY B 201 -5.80 31.91 -23.86
C GLY B 201 -5.49 31.53 -25.29
N THR B 202 -4.61 30.55 -25.48
CA THR B 202 -4.23 30.13 -26.81
C THR B 202 -4.20 28.62 -26.98
N GLN B 203 -3.54 27.94 -26.06
CA GLN B 203 -3.42 26.49 -26.11
C GLN B 203 -4.69 25.77 -25.67
N THR B 204 -4.98 24.65 -26.32
CA THR B 204 -6.15 23.84 -26.01
C THR B 204 -5.72 22.66 -25.13
N TYR B 205 -6.55 22.32 -24.16
CA TYR B 205 -6.26 21.22 -23.25
C TYR B 205 -7.44 20.27 -23.13
N ILE B 206 -7.25 19.05 -23.64
CA ILE B 206 -8.30 18.04 -23.61
C ILE B 206 -7.76 16.78 -22.94
N CYS B 207 -8.45 16.31 -21.91
CA CYS B 207 -7.99 15.09 -21.25
C CYS B 207 -8.80 13.94 -21.82
N ASN B 208 -8.09 12.88 -22.20
CA ASN B 208 -8.74 11.70 -22.75
C ASN B 208 -8.69 10.61 -21.70
N VAL B 209 -9.87 10.22 -21.23
CA VAL B 209 -10.00 9.22 -20.20
C VAL B 209 -10.56 7.91 -20.77
N ASN B 210 -9.90 6.81 -20.45
CA ASN B 210 -10.34 5.51 -20.94
C ASN B 210 -10.47 4.52 -19.78
N HIS B 211 -11.66 3.95 -19.63
CA HIS B 211 -11.92 2.95 -18.60
C HIS B 211 -12.36 1.71 -19.37
N LYS B 212 -11.40 0.85 -19.68
CA LYS B 212 -11.68 -0.35 -20.46
C LYS B 212 -12.77 -1.28 -19.95
N PRO B 213 -12.81 -1.56 -18.64
CA PRO B 213 -13.84 -2.45 -18.09
C PRO B 213 -15.27 -2.07 -18.47
N SER B 214 -15.55 -0.77 -18.51
CA SER B 214 -16.90 -0.33 -18.86
C SER B 214 -16.97 0.14 -20.31
N ASN B 215 -15.87 0.02 -21.04
CA ASN B 215 -15.82 0.46 -22.44
C ASN B 215 -16.14 1.95 -22.49
N THR B 216 -15.67 2.68 -21.49
CA THR B 216 -15.90 4.10 -21.41
C THR B 216 -14.72 4.92 -21.92
N LYS B 217 -15.02 5.82 -22.85
CA LYS B 217 -14.01 6.72 -23.41
C LYS B 217 -14.61 8.13 -23.35
N VAL B 218 -13.88 9.05 -22.74
CA VAL B 218 -14.37 10.42 -22.63
C VAL B 218 -13.28 11.43 -22.93
N ASP B 219 -13.64 12.48 -23.66
CA ASP B 219 -12.71 13.55 -23.98
C ASP B 219 -13.31 14.78 -23.33
N LYS B 220 -12.56 15.45 -22.46
CA LYS B 220 -13.08 16.63 -21.80
C LYS B 220 -12.19 17.85 -22.00
N LYS B 221 -12.77 18.90 -22.58
CA LYS B 221 -12.02 20.12 -22.81
C LYS B 221 -11.95 20.87 -21.48
N VAL B 222 -10.76 21.32 -21.11
CA VAL B 222 -10.59 22.06 -19.88
C VAL B 222 -10.28 23.50 -20.24
N GLU B 223 -11.21 24.39 -19.93
CA GLU B 223 -11.07 25.81 -20.26
C GLU B 223 -11.03 26.69 -19.01
N PRO B 224 -10.47 27.91 -19.14
CA PRO B 224 -10.40 28.82 -17.99
C PRO B 224 -11.81 29.16 -17.50
N LYS B 225 -11.95 29.34 -16.19
CA LYS B 225 -13.23 29.65 -15.58
C LYS B 225 -13.94 30.83 -16.24
N SER B 226 -15.26 30.89 -16.09
CA SER B 226 -16.07 31.96 -16.65
C SER B 226 -16.13 31.93 -18.17
N THR C 3 13.73 -33.63 12.12
CA THR C 3 13.27 -33.95 10.73
C THR C 3 13.21 -32.67 9.90
N LYS C 4 12.82 -32.83 8.64
CA LYS C 4 12.71 -31.70 7.71
C LYS C 4 11.49 -30.84 8.03
N LYS C 5 10.60 -31.37 8.88
CA LYS C 5 9.39 -30.65 9.27
C LYS C 5 9.69 -29.74 10.46
N GLY C 6 10.90 -29.84 10.97
CA GLY C 6 11.29 -29.05 12.13
C GLY C 6 11.19 -27.53 11.98
N ILE C 7 10.72 -26.89 13.04
CA ILE C 7 10.62 -25.43 13.08
C ILE C 7 11.26 -24.98 14.39
N ALA C 8 12.39 -24.31 14.28
CA ALA C 8 13.11 -23.83 15.47
C ALA C 8 12.64 -22.44 15.86
N ILE C 9 11.92 -22.36 16.98
CA ILE C 9 11.37 -21.11 17.51
C ILE C 9 12.42 -20.22 18.14
N GLY C 10 13.40 -20.84 18.79
CA GLY C 10 14.45 -20.11 19.44
C GLY C 10 15.47 -21.07 19.98
N PRO C 11 16.49 -20.60 20.69
CA PRO C 11 17.52 -21.48 21.25
C PRO C 11 16.89 -22.60 22.08
N GLY C 12 17.31 -23.84 21.81
CA GLY C 12 16.79 -24.98 22.55
C GLY C 12 15.28 -25.20 22.50
N ARG C 13 14.63 -24.68 21.45
CA ARG C 13 13.19 -24.86 21.32
C ARG C 13 12.81 -25.11 19.85
N THR C 14 12.66 -26.38 19.50
CA THR C 14 12.30 -26.77 18.14
C THR C 14 11.16 -27.76 18.13
N LEU C 15 10.20 -27.55 17.22
CA LEU C 15 9.05 -28.45 17.11
C LEU C 15 9.24 -29.37 15.90
N TYR C 16 8.65 -30.56 15.99
CA TYR C 16 8.74 -31.56 14.92
C TYR C 16 10.19 -31.94 14.67
#